data_2QVR
#
_entry.id   2QVR
#
_cell.length_a   44.002
_cell.length_b   82.251
_cell.length_c   174.194
_cell.angle_alpha   90.00
_cell.angle_beta   90.00
_cell.angle_gamma   90.00
#
_symmetry.space_group_name_H-M   'I 2 2 2'
#
loop_
_entity.id
_entity.type
_entity.pdbx_description
1 polymer Fructose-1,6-bisphosphatase
2 non-polymer 2,6-di-O-phosphono-beta-D-fructofuranose
3 non-polymer 'MAGNESIUM ION'
4 non-polymer 'CITRIC ACID'
5 water water
#
_entity_poly.entity_id   1
_entity_poly.type   'polypeptide(L)'
_entity_poly.pdbx_seq_one_letter_code
;(MSE)KTLGEFIVEKQHEFSHATGELTALLSAIKLGAKIIHRDINKAGLVDILGASGAENVQGEVQQKLDLFANEKLKAA
LKARDIVAGIASEEEDEIVVFEGCEHAKYVVL(MSE)DPLDGSSNIDVNVSVGTIFSIYRRVTPVGTPVTEEDFLQPGNK
QVAAGYVVYGSST(MSE)LVYTTGCGVHAFTYDPSLGVFCLCQER(MSE)RFPEKGKTYSINEGNYIKFPNGVKKYIKFC
QEEDKSTNRPYTSRYIGSLVADFHRNLLKGGIYLYPSTASHPDGKLRLLYECNP(MSE)AFLAEQAGGKASDGKERILDI
IPETLHQRRSFFVGNDH(MSE)VEDVERFIREFPDA
;
_entity_poly.pdbx_strand_id   A
#
loop_
_chem_comp.id
_chem_comp.type
_chem_comp.name
_chem_comp.formula
CIT non-polymer 'CITRIC ACID' 'C6 H8 O7'
FDP D-saccharide, beta linking 2,6-di-O-phosphono-beta-D-fructofuranose 'C6 H14 O12 P2'
MG non-polymer 'MAGNESIUM ION' 'Mg 2'
#
# COMPACT_ATOMS: atom_id res chain seq x y z
N MSE A 1 4.33 13.36 24.20
CA MSE A 1 4.60 13.23 22.73
C MSE A 1 5.79 12.31 22.50
O MSE A 1 6.76 12.33 23.25
CB MSE A 1 4.88 14.61 22.13
CG MSE A 1 5.00 14.64 20.61
SE MSE A 1 6.76 14.20 19.90
CE MSE A 1 7.49 16.00 19.86
N LYS A 2 5.70 11.49 21.46
CA LYS A 2 6.77 10.57 21.12
C LYS A 2 6.91 10.53 19.60
N THR A 3 8.10 10.83 19.10
CA THR A 3 8.32 10.85 17.66
C THR A 3 8.49 9.45 17.09
N LEU A 4 8.42 9.35 15.77
CA LEU A 4 8.58 8.08 15.07
C LEU A 4 9.96 7.52 15.38
N GLY A 5 10.97 8.38 15.33
CA GLY A 5 12.32 7.94 15.61
C GLY A 5 12.49 7.34 17.00
N GLU A 6 11.86 7.97 17.99
CA GLU A 6 11.97 7.50 19.38
C GLU A 6 11.20 6.21 19.58
N PHE A 7 10.11 6.06 18.82
CA PHE A 7 9.29 4.86 18.91
C PHE A 7 10.08 3.66 18.40
N ILE A 8 10.78 3.88 17.30
CA ILE A 8 11.60 2.82 16.69
C ILE A 8 12.68 2.38 17.67
N VAL A 9 13.29 3.34 18.35
CA VAL A 9 14.32 3.04 19.33
C VAL A 9 13.70 2.23 20.45
N GLU A 10 12.54 2.69 20.92
CA GLU A 10 11.80 2.05 21.99
C GLU A 10 11.46 0.58 21.72
N LYS A 11 10.80 0.30 20.60
CA LYS A 11 10.39 -1.05 20.23
C LYS A 11 11.53 -1.90 19.68
N GLN A 12 12.59 -2.07 20.46
CA GLN A 12 13.74 -2.86 20.04
C GLN A 12 13.40 -4.29 19.63
N HIS A 13 12.51 -4.93 20.38
CA HIS A 13 12.12 -6.31 20.10
C HIS A 13 11.50 -6.54 18.73
N GLU A 14 10.99 -5.48 18.11
CA GLU A 14 10.38 -5.64 16.79
C GLU A 14 11.44 -5.63 15.68
N PHE A 15 11.01 -5.87 14.44
CA PHE A 15 11.92 -5.84 13.29
C PHE A 15 13.00 -6.86 13.34
N SER A 16 12.72 -7.99 14.02
CA SER A 16 13.76 -9.04 14.05
C SER A 16 15.10 -8.53 14.48
N HIS A 17 15.07 -7.54 15.38
CA HIS A 17 16.24 -6.97 15.97
C HIS A 17 17.27 -6.44 14.94
N ALA A 18 17.07 -5.16 14.61
CA ALA A 18 17.99 -4.37 13.78
C ALA A 18 17.80 -2.90 13.94
N THR A 19 17.39 -2.46 15.16
CA THR A 19 16.93 -1.08 15.37
C THR A 19 17.58 -0.05 14.48
N GLY A 20 18.91 -0.05 14.43
CA GLY A 20 19.65 0.94 13.66
C GLY A 20 19.35 0.91 12.16
N GLU A 21 18.97 -0.26 11.65
CA GLU A 21 18.66 -0.39 10.24
C GLU A 21 17.23 0.04 9.96
N LEU A 22 16.32 -0.24 10.89
CA LEU A 22 14.93 0.15 10.72
C LEU A 22 14.85 1.67 10.73
N THR A 23 15.69 2.29 11.56
CA THR A 23 15.73 3.74 11.67
C THR A 23 16.15 4.36 10.35
N ALA A 24 17.23 3.85 9.78
CA ALA A 24 17.73 4.36 8.50
C ALA A 24 16.67 4.18 7.40
N LEU A 25 16.06 3.00 7.35
CA LEU A 25 15.03 2.71 6.35
C LEU A 25 13.86 3.69 6.43
N LEU A 26 13.28 3.83 7.62
CA LEU A 26 12.15 4.74 7.76
C LEU A 26 12.57 6.20 7.68
N SER A 27 13.84 6.48 7.96
CA SER A 27 14.33 7.86 7.87
C SER A 27 14.28 8.28 6.41
N ALA A 28 14.62 7.36 5.52
CA ALA A 28 14.59 7.64 4.09
C ALA A 28 13.14 7.81 3.67
N ILE A 29 12.26 6.97 4.22
CA ILE A 29 10.85 7.06 3.89
C ILE A 29 10.25 8.41 4.25
N LYS A 30 10.39 8.83 5.51
CA LYS A 30 9.82 10.11 5.90
C LYS A 30 10.44 11.29 5.17
N LEU A 31 11.73 11.20 4.85
CA LEU A 31 12.38 12.29 4.11
C LEU A 31 11.66 12.41 2.77
N GLY A 32 11.46 11.27 2.11
CA GLY A 32 10.78 11.29 0.84
C GLY A 32 9.35 11.75 1.02
N ALA A 33 8.71 11.30 2.09
CA ALA A 33 7.34 11.67 2.40
C ALA A 33 7.24 13.19 2.56
N LYS A 34 8.17 13.75 3.30
CA LYS A 34 8.22 15.20 3.52
C LYS A 34 8.39 15.95 2.20
N ILE A 35 9.35 15.50 1.39
CA ILE A 35 9.59 16.14 0.11
C ILE A 35 8.35 16.10 -0.76
N ILE A 36 7.68 14.96 -0.81
CA ILE A 36 6.49 14.84 -1.62
C ILE A 36 5.35 15.69 -1.06
N HIS A 37 5.19 15.65 0.25
CA HIS A 37 4.15 16.41 0.92
C HIS A 37 4.25 17.90 0.57
N ARG A 38 5.47 18.41 0.54
CA ARG A 38 5.70 19.82 0.23
C ARG A 38 5.10 20.22 -1.11
N ASP A 39 5.36 19.44 -2.16
CA ASP A 39 4.81 19.78 -3.47
C ASP A 39 3.29 19.62 -3.51
N ILE A 40 2.78 18.52 -2.97
CA ILE A 40 1.34 18.26 -2.96
C ILE A 40 0.56 19.30 -2.18
N ASN A 41 1.10 19.73 -1.04
CA ASN A 41 0.46 20.71 -0.18
C ASN A 41 0.27 22.06 -0.87
N LYS A 42 0.97 22.26 -1.97
CA LYS A 42 0.87 23.50 -2.74
C LYS A 42 0.71 23.17 -4.22
N ALA A 43 0.13 22.01 -4.50
CA ALA A 43 -0.08 21.54 -5.87
C ALA A 43 -0.54 22.59 -6.88
N GLY A 44 -1.56 23.37 -6.52
CA GLY A 44 -2.06 24.39 -7.42
C GLY A 44 -1.07 25.50 -7.76
N LEU A 45 -0.19 25.81 -6.83
CA LEU A 45 0.80 26.86 -7.03
C LEU A 45 2.12 26.33 -7.59
N VAL A 46 2.27 25.00 -7.56
CA VAL A 46 3.48 24.37 -8.07
C VAL A 46 3.19 23.64 -9.37
N ASP A 47 4.13 23.73 -10.31
CA ASP A 47 3.98 23.08 -11.61
C ASP A 47 4.27 21.59 -11.51
N ILE A 48 3.31 20.83 -10.96
CA ILE A 48 3.47 19.40 -10.79
C ILE A 48 2.25 18.60 -11.24
N LEU A 49 1.17 19.31 -11.58
CA LEU A 49 -0.06 18.68 -12.02
C LEU A 49 -0.08 18.43 -13.52
N GLY A 50 -0.55 17.26 -13.92
CA GLY A 50 -0.61 16.93 -15.34
C GLY A 50 0.31 15.80 -15.75
N ALA A 51 0.12 15.30 -16.97
CA ALA A 51 0.93 14.21 -17.50
C ALA A 51 2.37 14.65 -17.74
N SER A 52 3.32 13.77 -17.41
CA SER A 52 4.73 14.08 -17.59
C SER A 52 5.17 13.86 -19.03
N GLY A 53 4.31 13.22 -19.82
CA GLY A 53 4.62 12.96 -21.21
C GLY A 53 5.21 11.58 -21.46
N ALA A 54 5.12 10.71 -20.45
CA ALA A 54 5.65 9.36 -20.57
C ALA A 54 4.58 8.34 -20.18
N GLU A 55 4.76 7.09 -20.59
CA GLU A 55 3.80 6.03 -20.28
C GLU A 55 4.41 4.99 -19.32
N ASN A 56 3.69 4.71 -18.23
CA ASN A 56 4.13 3.75 -17.24
C ASN A 56 4.48 2.40 -17.85
N VAL A 57 5.22 1.60 -17.09
CA VAL A 57 5.57 0.25 -17.53
C VAL A 57 4.27 -0.53 -17.30
N GLN A 58 3.31 0.17 -16.71
CA GLN A 58 1.99 -0.37 -16.42
C GLN A 58 1.09 -0.10 -17.63
N GLY A 59 1.65 0.62 -18.60
CA GLY A 59 0.89 0.97 -19.80
C GLY A 59 -0.08 2.08 -19.47
N GLU A 60 0.29 2.90 -18.49
CA GLU A 60 -0.56 4.01 -18.04
C GLU A 60 0.06 5.38 -18.33
N VAL A 61 -0.81 6.39 -18.45
CA VAL A 61 -0.36 7.75 -18.71
C VAL A 61 0.16 8.36 -17.40
N GLN A 62 1.47 8.37 -17.25
CA GLN A 62 2.13 8.91 -16.06
C GLN A 62 1.89 10.40 -15.80
N GLN A 63 1.72 10.75 -14.53
CA GLN A 63 1.53 12.15 -14.12
C GLN A 63 2.88 12.66 -13.61
N LYS A 64 3.07 13.97 -13.61
CA LYS A 64 4.33 14.55 -13.16
C LYS A 64 4.71 14.19 -11.73
N LEU A 65 3.74 14.25 -10.81
CA LEU A 65 4.04 13.92 -9.42
C LEU A 65 4.52 12.48 -9.28
N ASP A 66 3.92 11.58 -10.08
CA ASP A 66 4.30 10.17 -10.06
C ASP A 66 5.82 10.04 -10.19
N LEU A 67 6.37 10.70 -11.21
CA LEU A 67 7.80 10.66 -11.49
C LEU A 67 8.61 11.35 -10.40
N PHE A 68 8.13 12.52 -9.97
CA PHE A 68 8.80 13.29 -8.92
C PHE A 68 8.92 12.40 -7.69
N ALA A 69 7.80 11.83 -7.25
CA ALA A 69 7.79 10.96 -6.09
C ALA A 69 8.78 9.82 -6.26
N ASN A 70 8.75 9.21 -7.44
CA ASN A 70 9.62 8.09 -7.76
C ASN A 70 11.11 8.45 -7.56
N GLU A 71 11.54 9.52 -8.21
CA GLU A 71 12.93 9.96 -8.13
C GLU A 71 13.35 10.34 -6.71
N LYS A 72 12.50 11.05 -5.99
CA LYS A 72 12.81 11.48 -4.63
C LYS A 72 12.98 10.32 -3.66
N LEU A 73 12.03 9.38 -3.68
CA LEU A 73 12.10 8.23 -2.81
C LEU A 73 13.31 7.39 -3.15
N LYS A 74 13.58 7.26 -4.46
CA LYS A 74 14.70 6.47 -4.95
C LYS A 74 16.03 7.07 -4.47
N ALA A 75 16.19 8.38 -4.62
CA ALA A 75 17.40 9.05 -4.17
C ALA A 75 17.51 9.01 -2.64
N ALA A 76 16.38 9.13 -1.95
CA ALA A 76 16.38 9.07 -0.50
C ALA A 76 16.83 7.69 0.00
N LEU A 77 16.39 6.63 -0.68
CA LEU A 77 16.77 5.29 -0.29
C LEU A 77 18.24 5.00 -0.62
N LYS A 78 18.71 5.49 -1.76
CA LYS A 78 20.11 5.28 -2.12
C LYS A 78 21.05 6.02 -1.18
N ALA A 79 20.64 7.19 -0.70
CA ALA A 79 21.48 7.99 0.19
C ALA A 79 21.65 7.47 1.63
N ARG A 80 20.79 6.54 2.06
CA ARG A 80 20.93 5.99 3.42
C ARG A 80 21.96 4.89 3.44
N ASP A 81 22.37 4.44 2.27
CA ASP A 81 23.38 3.39 2.17
C ASP A 81 22.92 2.19 2.98
N ILE A 82 21.63 1.86 2.88
CA ILE A 82 21.08 0.73 3.63
C ILE A 82 20.31 -0.26 2.75
N VAL A 83 20.00 0.16 1.53
CA VAL A 83 19.26 -0.70 0.59
C VAL A 83 20.14 -1.03 -0.60
N ALA A 84 20.10 -2.27 -1.07
CA ALA A 84 20.90 -2.70 -2.21
C ALA A 84 20.26 -2.31 -3.54
N GLY A 85 18.94 -2.13 -3.52
CA GLY A 85 18.24 -1.74 -4.72
C GLY A 85 16.75 -1.66 -4.51
N ILE A 86 16.04 -1.13 -5.49
CA ILE A 86 14.60 -1.01 -5.36
C ILE A 86 13.85 -1.46 -6.60
N ALA A 87 12.56 -1.69 -6.43
CA ALA A 87 11.66 -2.06 -7.52
C ALA A 87 10.57 -1.03 -7.34
N SER A 88 10.06 -0.48 -8.44
CA SER A 88 9.05 0.54 -8.35
C SER A 88 7.98 0.37 -9.40
N GLU A 89 6.76 0.75 -9.08
CA GLU A 89 5.65 0.64 -10.02
C GLU A 89 5.83 1.56 -11.24
N GLU A 90 6.73 2.53 -11.11
CA GLU A 90 7.01 3.47 -12.21
C GLU A 90 8.26 3.07 -13.00
N GLU A 91 8.91 1.97 -12.60
CA GLU A 91 10.12 1.51 -13.28
C GLU A 91 9.85 0.20 -14.04
N ASP A 92 10.54 0.02 -15.16
CA ASP A 92 10.39 -1.18 -15.97
C ASP A 92 11.18 -2.33 -15.34
N GLU A 93 12.40 -2.02 -14.94
CA GLU A 93 13.30 -3.00 -14.34
C GLU A 93 13.59 -2.65 -12.88
N ILE A 94 14.25 -3.56 -12.18
CA ILE A 94 14.62 -3.30 -10.81
C ILE A 94 15.78 -2.31 -10.90
N VAL A 95 15.95 -1.50 -9.85
CA VAL A 95 17.03 -0.52 -9.82
C VAL A 95 18.10 -1.02 -8.86
N VAL A 96 19.30 -1.32 -9.37
CA VAL A 96 20.38 -1.78 -8.53
C VAL A 96 21.22 -0.58 -8.11
N PHE A 97 21.33 -0.34 -6.80
CA PHE A 97 22.11 0.79 -6.32
C PHE A 97 23.60 0.49 -6.33
N GLU A 98 24.31 1.20 -7.19
CA GLU A 98 25.75 1.06 -7.33
C GLU A 98 26.43 1.43 -6.02
N GLY A 99 27.34 0.56 -5.56
CA GLY A 99 28.04 0.83 -4.31
C GLY A 99 27.30 0.34 -3.08
N CYS A 100 26.17 -0.30 -3.28
CA CYS A 100 25.37 -0.81 -2.18
C CYS A 100 25.25 -2.33 -2.18
N GLU A 101 26.10 -2.99 -2.95
CA GLU A 101 26.09 -4.45 -3.03
C GLU A 101 26.16 -5.02 -1.62
N HIS A 102 26.67 -4.22 -0.70
CA HIS A 102 26.83 -4.62 0.69
C HIS A 102 25.51 -4.59 1.47
N ALA A 103 24.60 -3.71 1.07
CA ALA A 103 23.30 -3.60 1.74
C ALA A 103 22.55 -4.94 1.71
N LYS A 104 21.76 -5.23 2.74
CA LYS A 104 21.03 -6.49 2.78
C LYS A 104 19.49 -6.36 2.69
N TYR A 105 19.02 -5.17 2.33
CA TYR A 105 17.58 -4.94 2.20
C TYR A 105 17.20 -4.44 0.81
N VAL A 106 15.97 -4.74 0.42
CA VAL A 106 15.46 -4.26 -0.85
C VAL A 106 14.10 -3.66 -0.54
N VAL A 107 13.70 -2.66 -1.33
CA VAL A 107 12.44 -2.00 -1.10
C VAL A 107 11.60 -1.95 -2.36
N LEU A 108 10.35 -2.39 -2.26
CA LEU A 108 9.46 -2.33 -3.40
C LEU A 108 8.50 -1.18 -3.09
N MSE A 109 8.24 -0.35 -4.09
CA MSE A 109 7.38 0.79 -3.82
C MSE A 109 6.39 1.23 -4.88
O MSE A 109 6.56 0.99 -6.08
CB MSE A 109 8.25 2.00 -3.48
CG MSE A 109 9.05 2.52 -4.68
SE MSE A 109 10.08 4.14 -4.36
CE MSE A 109 11.82 3.31 -4.14
N ASP A 110 5.36 1.90 -4.40
CA ASP A 110 4.33 2.51 -5.22
C ASP A 110 4.51 3.95 -4.72
N PRO A 111 5.40 4.72 -5.38
CA PRO A 111 5.71 6.11 -5.04
C PRO A 111 4.52 7.05 -4.90
N LEU A 112 3.55 6.91 -5.78
CA LEU A 112 2.40 7.78 -5.70
C LEU A 112 1.14 7.02 -6.05
N ASP A 113 0.45 6.57 -5.01
CA ASP A 113 -0.79 5.83 -5.18
C ASP A 113 -1.94 6.82 -5.27
N GLY A 114 -2.84 6.60 -6.25
CA GLY A 114 -3.98 7.48 -6.43
C GLY A 114 -3.72 8.60 -7.41
N SER A 115 -2.98 8.28 -8.47
CA SER A 115 -2.63 9.26 -9.50
C SER A 115 -3.80 10.10 -10.00
N SER A 116 -4.98 9.50 -10.10
CA SER A 116 -6.17 10.22 -10.58
C SER A 116 -6.63 11.34 -9.63
N ASN A 117 -6.17 11.31 -8.39
CA ASN A 117 -6.58 12.32 -7.41
C ASN A 117 -5.65 13.50 -7.20
N ILE A 118 -4.46 13.43 -7.80
CA ILE A 118 -3.48 14.50 -7.65
C ILE A 118 -3.96 15.90 -8.03
N ASP A 119 -4.53 16.04 -9.23
CA ASP A 119 -5.00 17.34 -9.72
C ASP A 119 -6.27 17.86 -9.05
N VAL A 120 -7.02 16.98 -8.39
CA VAL A 120 -8.27 17.40 -7.77
C VAL A 120 -8.25 17.58 -6.25
N ASN A 121 -7.06 17.81 -5.68
CA ASN A 121 -6.89 18.04 -4.25
C ASN A 121 -7.41 16.92 -3.35
N VAL A 122 -7.50 15.72 -3.89
CA VAL A 122 -7.97 14.58 -3.12
C VAL A 122 -6.80 13.73 -2.63
N SER A 123 -7.00 13.04 -1.51
CA SER A 123 -5.98 12.19 -0.90
C SER A 123 -5.25 11.25 -1.85
N VAL A 124 -3.93 11.18 -1.68
CA VAL A 124 -3.07 10.30 -2.45
C VAL A 124 -2.15 9.66 -1.41
N GLY A 125 -1.29 8.75 -1.82
CA GLY A 125 -0.40 8.15 -0.85
C GLY A 125 0.88 7.56 -1.43
N THR A 126 1.60 6.84 -0.58
CA THR A 126 2.84 6.18 -0.96
C THR A 126 2.83 4.83 -0.25
N ILE A 127 3.24 3.78 -0.96
CA ILE A 127 3.27 2.46 -0.36
C ILE A 127 4.67 1.84 -0.44
N PHE A 128 5.13 1.27 0.65
CA PHE A 128 6.44 0.62 0.60
C PHE A 128 6.41 -0.77 1.20
N SER A 129 7.26 -1.62 0.64
CA SER A 129 7.37 -3.00 1.07
C SER A 129 8.86 -3.28 1.20
N ILE A 130 9.26 -3.81 2.34
CA ILE A 130 10.68 -4.07 2.57
C ILE A 130 10.98 -5.54 2.79
N TYR A 131 11.94 -6.05 2.04
CA TYR A 131 12.32 -7.45 2.15
C TYR A 131 13.81 -7.57 2.44
N ARG A 132 14.19 -8.68 3.04
CA ARG A 132 15.59 -8.96 3.32
C ARG A 132 16.00 -9.73 2.06
N ARG A 133 17.12 -9.36 1.45
CA ARG A 133 17.57 -10.04 0.24
C ARG A 133 17.84 -11.52 0.45
N VAL A 134 17.83 -12.29 -0.64
CA VAL A 134 18.10 -13.71 -0.57
C VAL A 134 19.45 -14.00 -1.25
N THR A 135 19.84 -13.12 -2.17
CA THR A 135 21.11 -13.28 -2.87
C THR A 135 22.26 -12.90 -1.95
N PRO A 136 23.45 -13.46 -2.21
CA PRO A 136 24.66 -13.20 -1.42
C PRO A 136 25.02 -11.73 -1.27
N VAL A 137 25.12 -11.27 -0.03
CA VAL A 137 25.49 -9.88 0.23
C VAL A 137 26.82 -9.66 -0.48
N GLY A 138 27.06 -8.44 -0.95
CA GLY A 138 28.30 -8.15 -1.65
C GLY A 138 28.13 -8.27 -3.15
N THR A 139 27.00 -8.84 -3.56
CA THR A 139 26.69 -9.00 -4.99
C THR A 139 25.47 -8.14 -5.30
N PRO A 140 25.28 -7.79 -6.58
CA PRO A 140 24.13 -6.97 -7.00
C PRO A 140 22.83 -7.76 -6.94
N VAL A 141 21.83 -7.23 -6.24
CA VAL A 141 20.55 -7.93 -6.14
C VAL A 141 19.98 -8.23 -7.53
N THR A 142 19.14 -9.26 -7.59
CA THR A 142 18.52 -9.68 -8.85
C THR A 142 17.03 -9.75 -8.60
N GLU A 143 16.27 -9.91 -9.68
CA GLU A 143 14.82 -10.00 -9.58
C GLU A 143 14.41 -11.00 -8.52
N GLU A 144 15.26 -12.00 -8.30
CA GLU A 144 14.98 -13.03 -7.31
C GLU A 144 14.72 -12.43 -5.92
N ASP A 145 15.40 -11.33 -5.62
CA ASP A 145 15.23 -10.67 -4.33
C ASP A 145 13.93 -9.86 -4.28
N PHE A 146 13.33 -9.65 -5.45
CA PHE A 146 12.10 -8.85 -5.56
C PHE A 146 10.83 -9.67 -5.82
N LEU A 147 10.99 -10.95 -6.11
CA LEU A 147 9.85 -11.81 -6.38
C LEU A 147 9.51 -12.77 -5.23
N GLN A 148 9.86 -12.38 -4.01
CA GLN A 148 9.56 -13.20 -2.85
C GLN A 148 8.09 -13.05 -2.48
N PRO A 149 7.48 -14.07 -1.86
CA PRO A 149 6.07 -13.98 -1.48
C PRO A 149 5.86 -12.99 -0.35
N GLY A 150 4.68 -12.40 -0.30
CA GLY A 150 4.35 -11.42 0.71
C GLY A 150 4.61 -11.80 2.16
N ASN A 151 4.52 -13.09 2.47
CA ASN A 151 4.75 -13.51 3.85
C ASN A 151 6.20 -13.35 4.29
N LYS A 152 7.08 -12.99 3.36
CA LYS A 152 8.50 -12.81 3.70
C LYS A 152 8.88 -11.36 4.02
N GLN A 153 7.92 -10.44 3.90
CA GLN A 153 8.20 -9.03 4.17
C GLN A 153 8.62 -8.84 5.61
N VAL A 154 9.65 -8.02 5.84
CA VAL A 154 10.09 -7.74 7.19
C VAL A 154 9.50 -6.40 7.64
N ALA A 155 8.90 -5.69 6.70
CA ALA A 155 8.28 -4.40 6.99
C ALA A 155 7.42 -3.95 5.83
N ALA A 156 6.43 -3.12 6.13
CA ALA A 156 5.54 -2.56 5.13
C ALA A 156 4.76 -1.42 5.76
N GLY A 157 4.31 -0.51 4.92
CA GLY A 157 3.54 0.61 5.41
C GLY A 157 3.19 1.55 4.30
N TYR A 158 2.61 2.69 4.66
CA TYR A 158 2.23 3.68 3.67
C TYR A 158 2.22 5.06 4.27
N VAL A 159 2.19 6.05 3.38
CA VAL A 159 2.11 7.43 3.76
C VAL A 159 0.83 7.92 3.11
N VAL A 160 -0.03 8.59 3.88
CA VAL A 160 -1.24 9.11 3.30
C VAL A 160 -1.16 10.64 3.36
N TYR A 161 -1.30 11.27 2.21
CA TYR A 161 -1.25 12.72 2.13
C TYR A 161 -2.68 13.23 2.02
N GLY A 162 -3.35 13.40 3.15
CA GLY A 162 -4.72 13.89 3.16
C GLY A 162 -4.82 15.23 3.86
N SER A 163 -5.90 15.44 4.63
CA SER A 163 -6.05 16.69 5.36
C SER A 163 -4.83 16.89 6.24
N SER A 164 -4.20 15.77 6.59
CA SER A 164 -2.96 15.79 7.37
C SER A 164 -2.14 14.66 6.77
N THR A 165 -0.83 14.69 6.96
CA THR A 165 0.04 13.66 6.41
C THR A 165 0.44 12.68 7.50
N MSE A 166 0.09 11.41 7.29
CA MSE A 166 0.41 10.38 8.27
C MSE A 166 1.26 9.26 7.66
O MSE A 166 1.26 9.05 6.46
CB MSE A 166 -0.89 9.78 8.84
CG MSE A 166 -1.84 10.81 9.40
SE MSE A 166 -3.58 10.09 9.79
CE MSE A 166 -3.09 8.91 11.23
N LEU A 167 1.98 8.57 8.52
CA LEU A 167 2.82 7.45 8.09
C LEU A 167 2.35 6.27 8.91
N VAL A 168 1.96 5.19 8.23
CA VAL A 168 1.48 3.99 8.88
C VAL A 168 2.35 2.81 8.46
N TYR A 169 2.83 2.02 9.41
CA TYR A 169 3.68 0.87 9.07
C TYR A 169 3.59 -0.27 10.07
N THR A 170 4.24 -1.39 9.74
CA THR A 170 4.30 -2.56 10.61
C THR A 170 5.54 -3.37 10.31
N THR A 171 6.03 -4.09 11.31
CA THR A 171 7.19 -4.95 11.11
C THR A 171 6.80 -6.34 11.59
N GLY A 172 5.50 -6.57 11.73
CA GLY A 172 5.02 -7.85 12.20
C GLY A 172 4.52 -7.87 13.63
N CYS A 173 4.46 -6.70 14.27
CA CYS A 173 3.98 -6.60 15.65
C CYS A 173 2.94 -5.50 15.81
N GLY A 174 1.91 -5.53 14.99
CA GLY A 174 0.87 -4.51 15.07
C GLY A 174 1.12 -3.37 14.11
N VAL A 175 0.09 -2.57 13.88
CA VAL A 175 0.18 -1.44 12.97
C VAL A 175 0.26 -0.11 13.72
N HIS A 176 1.32 0.66 13.46
CA HIS A 176 1.52 1.95 14.12
C HIS A 176 1.32 3.13 13.19
N ALA A 177 0.57 4.12 13.67
CA ALA A 177 0.28 5.32 12.87
C ALA A 177 0.95 6.56 13.47
N PHE A 178 1.54 7.39 12.61
CA PHE A 178 2.19 8.61 13.06
C PHE A 178 1.71 9.77 12.20
N THR A 179 1.48 10.93 12.84
CA THR A 179 1.01 12.12 12.15
C THR A 179 2.14 13.16 12.05
N TYR A 180 2.30 13.73 10.86
CA TYR A 180 3.33 14.75 10.66
C TYR A 180 2.86 16.06 11.27
N ASP A 181 3.70 16.69 12.08
CA ASP A 181 3.34 17.96 12.70
C ASP A 181 4.13 19.08 12.02
N PRO A 182 3.48 19.83 11.12
CA PRO A 182 4.15 20.92 10.40
C PRO A 182 4.74 21.97 11.33
N SER A 183 4.19 22.08 12.54
CA SER A 183 4.69 23.04 13.53
C SER A 183 6.06 22.64 14.05
N LEU A 184 6.32 21.34 14.06
CA LEU A 184 7.59 20.80 14.55
C LEU A 184 8.47 20.21 13.46
N GLY A 185 7.84 19.73 12.39
CA GLY A 185 8.61 19.13 11.31
C GLY A 185 9.00 17.71 11.69
N VAL A 186 8.13 17.04 12.44
CA VAL A 186 8.40 15.66 12.87
C VAL A 186 7.15 14.81 12.88
N PHE A 187 7.32 13.51 12.74
CA PHE A 187 6.20 12.57 12.78
C PHE A 187 6.00 12.15 14.24
N CYS A 188 4.78 12.31 14.74
CA CYS A 188 4.48 11.95 16.11
C CYS A 188 3.53 10.78 16.18
N LEU A 189 3.74 9.91 17.16
CA LEU A 189 2.89 8.75 17.35
C LEU A 189 1.49 9.22 17.68
N CYS A 190 0.49 8.65 17.01
CA CYS A 190 -0.89 9.03 17.30
C CYS A 190 -1.75 7.81 17.59
N GLN A 191 -1.23 6.62 17.25
CA GLN A 191 -1.95 5.36 17.50
C GLN A 191 -0.98 4.21 17.35
N GLU A 192 -0.67 3.55 18.47
CA GLU A 192 0.29 2.45 18.52
C GLU A 192 -0.18 1.08 18.06
N ARG A 193 -1.43 0.75 18.31
CA ARG A 193 -1.93 -0.57 17.91
C ARG A 193 -3.26 -0.43 17.18
N MSE A 194 -3.20 -0.06 15.91
CA MSE A 194 -4.43 0.09 15.14
C MSE A 194 -5.00 -1.29 14.82
O MSE A 194 -4.27 -2.20 14.45
CB MSE A 194 -4.17 0.84 13.84
CG MSE A 194 -3.78 2.28 14.02
SE MSE A 194 -4.02 3.22 12.37
CE MSE A 194 -2.70 2.34 11.34
N ARG A 195 -6.31 -1.41 14.99
CA ARG A 195 -6.99 -2.67 14.75
C ARG A 195 -8.35 -2.38 14.13
N PHE A 196 -8.78 -3.25 13.22
CA PHE A 196 -10.09 -3.05 12.62
C PHE A 196 -11.12 -3.20 13.73
N PRO A 197 -12.20 -2.42 13.71
CA PRO A 197 -13.18 -2.58 14.78
C PRO A 197 -13.81 -3.98 14.64
N GLU A 198 -14.72 -4.33 15.54
CA GLU A 198 -15.34 -5.65 15.48
C GLU A 198 -16.10 -5.92 14.19
N LYS A 199 -16.86 -4.92 13.73
CA LYS A 199 -17.63 -5.07 12.51
C LYS A 199 -17.48 -3.87 11.58
N GLY A 200 -17.58 -4.13 10.28
CA GLY A 200 -17.46 -3.08 9.30
C GLY A 200 -18.79 -2.87 8.61
N LYS A 201 -19.07 -1.63 8.22
CA LYS A 201 -20.34 -1.30 7.57
C LYS A 201 -20.15 -0.52 6.29
N THR A 202 -18.93 -0.54 5.75
CA THR A 202 -18.66 0.20 4.54
C THR A 202 -17.95 -0.64 3.49
N TYR A 203 -18.33 -0.48 2.23
CA TYR A 203 -17.66 -1.19 1.16
C TYR A 203 -17.12 -0.14 0.19
N SER A 204 -15.89 -0.35 -0.27
CA SER A 204 -15.22 0.57 -1.18
C SER A 204 -14.88 -0.13 -2.47
N ILE A 205 -15.58 0.24 -3.52
CA ILE A 205 -15.37 -0.36 -4.82
C ILE A 205 -15.80 0.62 -5.90
N ASN A 206 -15.29 0.45 -7.13
CA ASN A 206 -15.69 1.33 -8.23
C ASN A 206 -16.89 0.67 -8.90
N GLU A 207 -18.09 0.97 -8.39
CA GLU A 207 -19.30 0.38 -8.93
C GLU A 207 -19.61 0.72 -10.38
N GLY A 208 -18.82 1.61 -10.97
CA GLY A 208 -19.03 1.95 -12.37
C GLY A 208 -18.68 0.76 -13.24
N ASN A 209 -17.81 -0.11 -12.73
CA ASN A 209 -17.38 -1.31 -13.46
C ASN A 209 -18.22 -2.53 -13.10
N TYR A 210 -19.45 -2.29 -12.64
CA TYR A 210 -20.34 -3.36 -12.23
C TYR A 210 -20.52 -4.51 -13.23
N ILE A 211 -21.10 -4.22 -14.39
CA ILE A 211 -21.34 -5.25 -15.39
C ILE A 211 -20.19 -6.22 -15.67
N LYS A 212 -18.95 -5.74 -15.54
CA LYS A 212 -17.80 -6.59 -15.81
C LYS A 212 -17.16 -7.27 -14.59
N PHE A 213 -17.79 -7.16 -13.42
CA PHE A 213 -17.26 -7.79 -12.22
C PHE A 213 -17.62 -9.28 -12.22
N PRO A 214 -16.84 -10.10 -11.52
CA PRO A 214 -17.16 -11.53 -11.47
C PRO A 214 -18.56 -11.62 -10.88
N ASN A 215 -19.34 -12.61 -11.30
CA ASN A 215 -20.71 -12.74 -10.79
C ASN A 215 -20.78 -12.81 -9.27
N GLY A 216 -19.76 -13.39 -8.64
CA GLY A 216 -19.76 -13.47 -7.19
C GLY A 216 -19.65 -12.09 -6.54
N VAL A 217 -18.90 -11.21 -7.18
CA VAL A 217 -18.73 -9.85 -6.67
C VAL A 217 -20.02 -9.06 -6.88
N LYS A 218 -20.67 -9.29 -8.02
CA LYS A 218 -21.94 -8.62 -8.30
C LYS A 218 -22.95 -8.99 -7.21
N LYS A 219 -22.94 -10.26 -6.81
CA LYS A 219 -23.86 -10.75 -5.77
C LYS A 219 -23.51 -10.17 -4.41
N TYR A 220 -22.21 -10.05 -4.11
CA TYR A 220 -21.79 -9.48 -2.84
C TYR A 220 -22.29 -8.04 -2.76
N ILE A 221 -22.14 -7.32 -3.87
CA ILE A 221 -22.57 -5.93 -3.93
C ILE A 221 -24.05 -5.82 -3.62
N LYS A 222 -24.86 -6.67 -4.26
CA LYS A 222 -26.30 -6.68 -4.02
C LYS A 222 -26.55 -6.94 -2.55
N PHE A 223 -25.78 -7.87 -2.00
CA PHE A 223 -25.86 -8.23 -0.59
C PHE A 223 -25.68 -6.99 0.29
N CYS A 224 -24.65 -6.20 -0.01
CA CYS A 224 -24.35 -4.97 0.73
C CYS A 224 -25.51 -3.99 0.69
N GLN A 225 -26.30 -4.05 -0.37
CA GLN A 225 -27.42 -3.13 -0.55
C GLN A 225 -28.76 -3.59 -0.02
N GLU A 226 -28.83 -4.83 0.45
CA GLU A 226 -30.07 -5.36 1.00
C GLU A 226 -30.30 -4.69 2.36
N GLU A 227 -31.54 -4.68 2.83
CA GLU A 227 -31.82 -4.08 4.12
C GLU A 227 -31.88 -5.18 5.18
N ASP A 228 -31.10 -5.00 6.24
CA ASP A 228 -31.06 -5.97 7.32
C ASP A 228 -30.32 -5.36 8.51
N LYS A 229 -31.08 -4.75 9.41
CA LYS A 229 -30.49 -4.12 10.59
C LYS A 229 -29.68 -5.08 11.44
N SER A 230 -30.16 -6.31 11.55
CA SER A 230 -29.47 -7.31 12.34
C SER A 230 -28.00 -7.41 11.95
N THR A 231 -27.68 -7.05 10.71
CA THR A 231 -26.30 -7.09 10.25
C THR A 231 -25.80 -5.77 9.70
N ASN A 232 -26.41 -4.66 10.15
CA ASN A 232 -25.99 -3.34 9.72
C ASN A 232 -26.09 -3.09 8.20
N ARG A 233 -27.05 -3.71 7.55
CA ARG A 233 -27.22 -3.51 6.11
C ARG A 233 -28.50 -2.73 5.82
N PRO A 234 -28.53 -1.98 4.70
CA PRO A 234 -27.43 -1.83 3.73
C PRO A 234 -26.23 -1.02 4.24
N TYR A 235 -25.05 -1.37 3.73
CA TYR A 235 -23.82 -0.70 4.11
C TYR A 235 -23.71 0.68 3.47
N THR A 236 -22.78 1.48 4.00
CA THR A 236 -22.53 2.80 3.44
C THR A 236 -21.47 2.60 2.37
N SER A 237 -21.57 3.37 1.30
CA SER A 237 -20.60 3.27 0.22
C SER A 237 -19.59 4.43 0.30
N ARG A 238 -18.32 4.09 0.14
CA ARG A 238 -17.25 5.10 0.17
C ARG A 238 -16.14 4.63 -0.76
N TYR A 239 -15.79 5.48 -1.73
CA TYR A 239 -14.73 5.14 -2.66
C TYR A 239 -14.06 6.44 -3.08
N ILE A 240 -12.93 6.72 -2.44
CA ILE A 240 -12.13 7.91 -2.68
C ILE A 240 -11.36 7.84 -4.00
N GLY A 241 -11.02 6.63 -4.43
CA GLY A 241 -10.28 6.49 -5.68
C GLY A 241 -8.79 6.36 -5.43
N SER A 242 -8.41 6.39 -4.17
CA SER A 242 -7.02 6.24 -3.77
C SER A 242 -6.97 5.05 -2.83
N LEU A 243 -6.24 4.02 -3.20
CA LEU A 243 -6.13 2.82 -2.38
C LEU A 243 -5.72 3.12 -0.93
N VAL A 244 -4.60 3.80 -0.76
CA VAL A 244 -4.11 4.14 0.56
C VAL A 244 -5.20 4.82 1.40
N ALA A 245 -5.88 5.79 0.80
CA ALA A 245 -6.92 6.55 1.47
C ALA A 245 -8.14 5.75 1.92
N ASP A 246 -8.66 4.90 1.02
CA ASP A 246 -9.82 4.08 1.35
C ASP A 246 -9.44 3.01 2.37
N PHE A 247 -8.21 2.51 2.26
CA PHE A 247 -7.70 1.51 3.20
C PHE A 247 -7.67 2.14 4.59
N HIS A 248 -7.02 3.28 4.70
CA HIS A 248 -6.88 3.99 5.97
C HIS A 248 -8.23 4.18 6.67
N ARG A 249 -9.21 4.72 5.96
CA ARG A 249 -10.54 4.94 6.54
C ARG A 249 -11.14 3.62 7.02
N ASN A 250 -11.07 2.58 6.18
CA ASN A 250 -11.62 1.27 6.53
C ASN A 250 -10.96 0.64 7.74
N LEU A 251 -9.68 0.93 7.94
CA LEU A 251 -8.95 0.38 9.08
C LEU A 251 -9.43 1.06 10.36
N LEU A 252 -9.76 2.34 10.26
CA LEU A 252 -10.21 3.11 11.40
C LEU A 252 -11.69 2.95 11.75
N LYS A 253 -12.54 2.92 10.72
CA LYS A 253 -13.98 2.80 10.92
C LYS A 253 -14.52 1.41 10.61
N GLY A 254 -13.71 0.61 9.92
CA GLY A 254 -14.15 -0.71 9.54
C GLY A 254 -14.72 -0.68 8.14
N GLY A 255 -14.46 -1.72 7.37
CA GLY A 255 -14.97 -1.76 6.01
C GLY A 255 -14.13 -2.67 5.14
N ILE A 256 -14.45 -2.69 3.85
CA ILE A 256 -13.73 -3.54 2.91
C ILE A 256 -13.46 -2.78 1.62
N TYR A 257 -12.27 -3.01 1.06
CA TYR A 257 -11.87 -2.39 -0.19
C TYR A 257 -11.85 -3.49 -1.23
N LEU A 258 -12.50 -3.25 -2.37
CA LEU A 258 -12.54 -4.27 -3.41
C LEU A 258 -12.10 -3.79 -4.78
N TYR A 259 -11.22 -4.56 -5.41
CA TYR A 259 -10.81 -4.26 -6.78
C TYR A 259 -10.62 -5.59 -7.48
N PRO A 260 -11.72 -6.14 -8.02
CA PRO A 260 -11.75 -7.41 -8.73
C PRO A 260 -11.36 -7.25 -10.19
N SER A 261 -11.40 -8.36 -10.92
CA SER A 261 -11.07 -8.33 -12.33
C SER A 261 -12.19 -7.60 -13.06
N THR A 262 -11.81 -6.89 -14.12
CA THR A 262 -12.77 -6.16 -14.94
C THR A 262 -12.40 -6.44 -16.38
N ALA A 263 -13.07 -5.77 -17.32
CA ALA A 263 -12.80 -5.98 -18.74
C ALA A 263 -11.40 -5.48 -19.09
N SER A 264 -11.06 -4.31 -18.56
CA SER A 264 -9.76 -3.69 -18.80
C SER A 264 -8.62 -4.37 -18.06
N HIS A 265 -8.94 -4.99 -16.92
CA HIS A 265 -7.91 -5.65 -16.12
C HIS A 265 -8.36 -7.05 -15.72
N PRO A 266 -8.21 -8.01 -16.64
CA PRO A 266 -8.59 -9.41 -16.43
C PRO A 266 -8.08 -10.03 -15.13
N ASP A 267 -6.95 -9.54 -14.63
CA ASP A 267 -6.38 -10.08 -13.40
C ASP A 267 -6.40 -9.06 -12.27
N GLY A 268 -7.40 -8.18 -12.29
CA GLY A 268 -7.48 -7.14 -11.28
C GLY A 268 -6.57 -6.03 -11.77
N LYS A 269 -6.68 -4.84 -11.18
CA LYS A 269 -5.84 -3.73 -11.60
C LYS A 269 -4.60 -3.54 -10.74
N LEU A 270 -4.73 -3.73 -9.43
CA LEU A 270 -3.62 -3.54 -8.50
C LEU A 270 -2.47 -4.51 -8.75
N ARG A 271 -1.25 -4.11 -8.39
CA ARG A 271 -0.07 -4.94 -8.58
C ARG A 271 0.23 -5.71 -7.30
N LEU A 272 0.51 -6.99 -7.45
CA LEU A 272 0.79 -7.87 -6.31
C LEU A 272 1.90 -7.41 -5.38
N LEU A 273 3.07 -7.14 -5.95
CA LEU A 273 4.24 -6.76 -5.17
C LEU A 273 4.34 -5.33 -4.63
N TYR A 274 3.81 -4.35 -5.36
CA TYR A 274 3.90 -2.95 -4.91
C TYR A 274 2.68 -2.43 -4.18
N GLU A 275 1.55 -3.09 -4.37
CA GLU A 275 0.32 -2.65 -3.74
C GLU A 275 -0.36 -3.70 -2.85
N CYS A 276 -0.58 -4.90 -3.39
CA CYS A 276 -1.26 -5.95 -2.63
C CYS A 276 -0.52 -6.49 -1.42
N ASN A 277 0.72 -6.95 -1.59
CA ASN A 277 1.45 -7.52 -0.47
C ASN A 277 1.63 -6.60 0.73
N PRO A 278 2.12 -5.37 0.52
CA PRO A 278 2.29 -4.47 1.67
C PRO A 278 0.99 -4.16 2.41
N MSE A 279 -0.08 -3.88 1.66
CA MSE A 279 -1.36 -3.58 2.27
C MSE A 279 -1.96 -4.82 2.94
O MSE A 279 -2.74 -4.70 3.89
CB MSE A 279 -2.33 -2.98 1.25
CG MSE A 279 -1.85 -1.68 0.60
SE MSE A 279 -1.43 -0.27 1.88
CE MSE A 279 0.41 -0.66 2.13
N ALA A 280 -1.61 -6.00 2.44
CA ALA A 280 -2.12 -7.25 3.01
C ALA A 280 -1.40 -7.51 4.34
N PHE A 281 -0.10 -7.23 4.37
CA PHE A 281 0.69 -7.42 5.58
C PHE A 281 0.12 -6.49 6.65
N LEU A 282 -0.25 -5.28 6.25
CA LEU A 282 -0.82 -4.28 7.17
C LEU A 282 -2.20 -4.70 7.66
N ALA A 283 -3.08 -5.04 6.72
CA ALA A 283 -4.43 -5.46 7.07
C ALA A 283 -4.40 -6.64 8.05
N GLU A 284 -3.48 -7.57 7.85
CA GLU A 284 -3.39 -8.74 8.73
C GLU A 284 -2.91 -8.40 10.12
N GLN A 285 -1.97 -7.47 10.22
CA GLN A 285 -1.43 -7.05 11.50
C GLN A 285 -2.49 -6.29 12.30
N ALA A 286 -3.55 -5.85 11.62
CA ALA A 286 -4.62 -5.11 12.26
C ALA A 286 -5.80 -6.03 12.58
N GLY A 287 -5.61 -7.33 12.33
CA GLY A 287 -6.65 -8.29 12.61
C GLY A 287 -7.61 -8.45 11.45
N GLY A 288 -7.23 -7.90 10.30
CA GLY A 288 -8.08 -7.99 9.13
C GLY A 288 -7.68 -9.14 8.20
N LYS A 289 -8.25 -9.15 7.01
CA LYS A 289 -7.99 -10.19 6.03
C LYS A 289 -7.78 -9.61 4.64
N ALA A 290 -6.94 -10.27 3.85
CA ALA A 290 -6.65 -9.82 2.49
C ALA A 290 -6.44 -11.03 1.58
N SER A 291 -7.26 -11.13 0.54
CA SER A 291 -7.16 -12.24 -0.40
C SER A 291 -7.46 -11.79 -1.82
N ASP A 292 -7.21 -12.66 -2.79
CA ASP A 292 -7.50 -12.32 -4.18
C ASP A 292 -8.89 -12.85 -4.52
N GLY A 293 -9.68 -13.10 -3.49
CA GLY A 293 -11.03 -13.62 -3.69
C GLY A 293 -11.08 -15.12 -3.46
N LYS A 294 -9.91 -15.75 -3.43
CA LYS A 294 -9.85 -17.17 -3.21
C LYS A 294 -8.71 -17.56 -2.27
N GLU A 295 -7.49 -17.11 -2.55
CA GLU A 295 -6.37 -17.45 -1.69
C GLU A 295 -5.70 -16.27 -0.99
N ARG A 296 -4.92 -16.57 0.03
CA ARG A 296 -4.23 -15.56 0.81
C ARG A 296 -3.17 -14.80 -0.01
N ILE A 297 -3.34 -13.49 -0.12
CA ILE A 297 -2.41 -12.65 -0.88
C ILE A 297 -0.94 -12.88 -0.51
N LEU A 298 -0.64 -12.91 0.78
CA LEU A 298 0.73 -13.07 1.25
C LEU A 298 1.44 -14.38 0.93
N ASP A 299 0.68 -15.40 0.54
CA ASP A 299 1.27 -16.70 0.23
C ASP A 299 1.42 -16.95 -1.27
N ILE A 300 0.91 -16.05 -2.09
CA ILE A 300 1.02 -16.20 -3.53
C ILE A 300 2.47 -16.09 -3.99
N ILE A 301 2.90 -17.02 -4.81
CA ILE A 301 4.26 -16.98 -5.32
C ILE A 301 4.22 -16.07 -6.54
N PRO A 302 4.92 -14.92 -6.46
CA PRO A 302 4.96 -13.94 -7.56
C PRO A 302 5.60 -14.54 -8.80
N GLU A 303 5.02 -14.27 -9.96
CA GLU A 303 5.53 -14.79 -11.21
C GLU A 303 6.33 -13.75 -11.99
N THR A 304 5.88 -12.50 -11.96
CA THR A 304 6.57 -11.41 -12.65
C THR A 304 6.59 -10.15 -11.78
N LEU A 305 7.57 -9.29 -12.02
CA LEU A 305 7.72 -8.06 -11.27
C LEU A 305 6.45 -7.20 -11.24
N HIS A 306 5.75 -7.12 -12.37
CA HIS A 306 4.57 -6.28 -12.47
C HIS A 306 3.23 -7.02 -12.52
N GLN A 307 3.21 -8.22 -11.94
CA GLN A 307 2.02 -9.05 -11.90
C GLN A 307 0.87 -8.33 -11.18
N ARG A 308 -0.33 -8.45 -11.73
CA ARG A 308 -1.50 -7.83 -11.16
C ARG A 308 -2.30 -8.89 -10.43
N ARG A 309 -3.27 -8.49 -9.62
CA ARG A 309 -4.07 -9.45 -8.88
C ARG A 309 -5.33 -8.83 -8.30
N SER A 310 -6.40 -9.63 -8.23
CA SER A 310 -7.66 -9.18 -7.66
C SER A 310 -7.33 -8.94 -6.20
N PHE A 311 -7.99 -7.96 -5.57
CA PHE A 311 -7.69 -7.63 -4.18
C PHE A 311 -8.95 -7.31 -3.37
N PHE A 312 -9.15 -8.04 -2.27
CA PHE A 312 -10.29 -7.82 -1.37
C PHE A 312 -9.63 -7.74 0.00
N VAL A 313 -9.77 -6.60 0.68
CA VAL A 313 -9.11 -6.42 1.96
C VAL A 313 -9.90 -5.60 2.97
N GLY A 314 -9.81 -5.97 4.24
CA GLY A 314 -10.52 -5.26 5.30
C GLY A 314 -10.98 -6.22 6.39
N ASN A 315 -12.08 -5.87 7.04
CA ASN A 315 -12.61 -6.72 8.11
C ASN A 315 -12.73 -8.15 7.61
N ASP A 316 -12.33 -9.10 8.45
CA ASP A 316 -12.36 -10.51 8.11
C ASP A 316 -13.72 -11.06 7.68
N HIS A 317 -14.78 -10.71 8.41
CA HIS A 317 -16.11 -11.21 8.07
C HIS A 317 -16.57 -10.73 6.70
N MSE A 318 -16.21 -9.50 6.35
CA MSE A 318 -16.60 -8.94 5.05
C MSE A 318 -15.84 -9.61 3.90
O MSE A 318 -16.43 -9.96 2.88
CB MSE A 318 -16.33 -7.43 5.04
CG MSE A 318 -17.08 -6.69 6.11
SE MSE A 318 -16.91 -4.78 5.91
CE MSE A 318 -18.54 -4.43 4.96
N VAL A 319 -14.53 -9.77 4.07
CA VAL A 319 -13.70 -10.41 3.06
C VAL A 319 -14.17 -11.87 2.93
N GLU A 320 -14.54 -12.49 4.04
CA GLU A 320 -15.03 -13.87 4.03
C GLU A 320 -16.35 -13.98 3.26
N ASP A 321 -17.18 -12.95 3.35
CA ASP A 321 -18.44 -12.96 2.63
C ASP A 321 -18.15 -12.94 1.13
N VAL A 322 -17.23 -12.08 0.71
CA VAL A 322 -16.84 -11.98 -0.70
C VAL A 322 -16.39 -13.34 -1.21
N GLU A 323 -15.50 -13.98 -0.46
CA GLU A 323 -14.98 -15.29 -0.83
C GLU A 323 -16.09 -16.33 -0.93
N ARG A 324 -17.10 -16.23 -0.07
CA ARG A 324 -18.20 -17.17 -0.10
C ARG A 324 -19.05 -17.00 -1.36
N PHE A 325 -19.36 -15.75 -1.71
CA PHE A 325 -20.18 -15.49 -2.90
C PHE A 325 -19.46 -15.92 -4.18
N ILE A 326 -18.16 -15.69 -4.26
CA ILE A 326 -17.42 -16.10 -5.45
C ILE A 326 -17.46 -17.62 -5.52
N ARG A 327 -17.45 -18.24 -4.35
CA ARG A 327 -17.51 -19.69 -4.22
C ARG A 327 -18.87 -20.18 -4.71
N GLU A 328 -19.94 -19.59 -4.18
CA GLU A 328 -21.29 -19.96 -4.56
C GLU A 328 -21.70 -19.55 -5.98
N PHE A 329 -21.06 -18.50 -6.50
CA PHE A 329 -21.36 -18.03 -7.85
C PHE A 329 -20.11 -17.91 -8.69
N PRO A 330 -19.44 -19.04 -9.00
CA PRO A 330 -18.24 -18.95 -9.82
C PRO A 330 -18.59 -18.41 -11.20
N ASP A 331 -17.83 -17.44 -11.66
CA ASP A 331 -18.10 -16.84 -12.97
C ASP A 331 -17.69 -17.77 -14.09
N ALA A 332 -18.68 -18.32 -14.80
CA ALA A 332 -18.44 -19.23 -15.90
C ALA A 332 -17.72 -18.54 -17.06
P1 FDP B . -4.59 5.11 -9.66
O1P FDP B . -4.70 4.06 -10.76
O2P FDP B . -3.13 5.37 -9.24
O3P FDP B . -5.33 6.39 -10.00
O1 FDP B . -2.94 2.79 -7.86
C1 FDP B . -4.06 2.44 -8.64
C2 FDP B . -5.34 3.09 -8.13
O2 FDP B . -5.34 4.53 -8.32
C3 FDP B . -5.64 2.84 -6.66
O3 FDP B . -4.93 3.76 -5.85
C4 FDP B . -7.15 3.05 -6.61
O4 FDP B . -7.73 2.36 -5.52
C5 FDP B . -7.59 2.46 -7.95
O5 FDP B . -6.43 2.53 -8.82
C6 FDP B . -8.71 3.22 -8.59
O6 FDP B . -8.87 2.71 -9.94
P2 FDP B . -10.21 3.08 -10.78
O4P FDP B . -9.97 4.45 -11.39
O5P FDP B . -10.36 2.00 -11.83
O6P FDP B . -11.34 3.07 -9.76
MG MG C . -1.08 2.81 -6.39
C1 CIT D . 10.80 12.01 13.49
O1 CIT D . 10.83 10.82 13.87
O2 CIT D . 10.00 12.37 12.58
C2 CIT D . 11.71 13.05 14.13
C3 CIT D . 13.22 12.62 14.11
O7 CIT D . 13.59 12.16 12.80
C4 CIT D . 14.12 13.81 14.50
C5 CIT D . 14.03 14.92 13.48
O3 CIT D . 13.66 16.05 13.85
O4 CIT D . 14.31 14.70 12.29
C6 CIT D . 13.47 11.53 15.12
O5 CIT D . 12.82 11.51 16.19
O6 CIT D . 14.33 10.64 14.89
#